data_2VFA
#
_entry.id   2VFA
#
_cell.length_a   161.811
_cell.length_b   161.811
_cell.length_c   161.811
_cell.angle_alpha   90.00
_cell.angle_beta   90.00
_cell.angle_gamma   90.00
#
_symmetry.space_group_name_H-M   'I 2 3'
#
loop_
_entity.id
_entity.type
_entity.pdbx_description
1 polymer 'HYPOXANTHINE-GUANINE-XANTHINE PHOSPHORIBOSYLTRANSFERASE, HYPOXANTHINE-GUANINE PHOSPHORIBOSYLTRANSFERASE'
2 non-polymer "GUANOSINE-5'-MONOPHOSPHATE"
3 non-polymer 'SULFATE ION'
4 water water
#
_entity_poly.entity_id   1
_entity_poly.type   'polypeptide(L)'
_entity_poly.pdbx_seq_one_letter_code
;MPIPNNPGAGENAFDPVFVKDDDGYDLDSFMIPAHYKKYLTKVLVPNGVIKNRIEKLARDVMKEMGGHHIVALCVLKGGY
KFFADLLDYIKALNRNSDRSIPMTVDFIRLKSYCNDQSTGDIKVIGGDDLSTLTGKNVLIVEDIIDTGKTMQTLLSLVRQ
YNPKMVKVACLFIKRTPLWNGFKADFVGFSIPDHFVVGYSLDYNEIFRDLDHCCLVNDEGKKKYKATSL
;
_entity_poly.pdbx_strand_id   A,B
#
# COMPACT_ATOMS: atom_id res chain seq x y z
N ASP A 15 -7.10 -16.46 -6.16
CA ASP A 15 -7.82 -15.48 -7.04
C ASP A 15 -7.20 -14.09 -7.00
N PRO A 16 -7.00 -13.48 -8.18
CA PRO A 16 -6.38 -12.15 -8.28
C PRO A 16 -7.27 -11.01 -7.76
N VAL A 17 -6.64 -9.87 -7.51
CA VAL A 17 -7.36 -8.65 -7.16
C VAL A 17 -7.91 -8.05 -8.45
N PHE A 18 -9.19 -7.69 -8.45
CA PHE A 18 -9.85 -7.20 -9.65
C PHE A 18 -9.79 -5.68 -9.77
N VAL A 19 -8.92 -5.20 -10.66
CA VAL A 19 -8.79 -3.76 -10.94
C VAL A 19 -9.72 -3.37 -12.08
N LYS A 20 -10.85 -2.75 -11.74
CA LYS A 20 -11.87 -2.35 -12.72
C LYS A 20 -11.33 -1.40 -13.80
N ASP A 21 -12.06 -1.28 -14.90
CA ASP A 21 -11.63 -0.45 -16.04
C ASP A 21 -11.29 0.99 -15.63
N ASP A 22 -12.26 1.66 -15.01
CA ASP A 22 -12.10 3.06 -14.59
C ASP A 22 -11.53 3.19 -13.16
N ASP A 23 -11.15 2.05 -12.58
CA ASP A 23 -10.52 2.01 -11.26
C ASP A 23 -9.16 2.69 -11.34
N GLY A 24 -8.77 3.36 -10.27
CA GLY A 24 -7.47 4.03 -10.22
C GLY A 24 -7.34 5.20 -9.26
N TYR A 25 -6.20 5.89 -9.33
CA TYR A 25 -5.84 6.94 -8.39
C TYR A 25 -5.26 8.17 -9.10
N ASP A 26 -5.45 9.33 -8.47
CA ASP A 26 -4.89 10.61 -8.94
C ASP A 26 -3.36 10.61 -8.82
N LEU A 27 -2.70 11.40 -9.65
CA LEU A 27 -1.24 11.49 -9.65
C LEU A 27 -0.68 12.16 -8.39
N ASP A 28 -1.46 13.06 -7.81
CA ASP A 28 -1.04 13.77 -6.61
C ASP A 28 -1.36 12.98 -5.34
N SER A 29 -2.08 11.87 -5.49
CA SER A 29 -2.44 11.02 -4.35
C SER A 29 -1.23 10.37 -3.69
N PHE A 30 -0.26 9.99 -4.51
CA PHE A 30 0.95 9.34 -4.00
C PHE A 30 2.21 10.03 -4.49
N MET A 31 3.35 9.56 -4.01
CA MET A 31 4.64 10.09 -4.39
C MET A 31 5.02 9.67 -5.81
N ILE A 32 5.01 10.63 -6.73
CA ILE A 32 5.53 10.47 -8.08
C ILE A 32 6.42 11.67 -8.40
N PRO A 33 7.66 11.41 -8.86
CA PRO A 33 8.58 12.49 -9.22
C PRO A 33 7.99 13.45 -10.25
N ALA A 34 8.21 14.74 -10.03
CA ALA A 34 7.52 15.82 -10.75
C ALA A 34 7.56 15.75 -12.29
N HIS A 35 8.72 15.40 -12.85
CA HIS A 35 8.89 15.42 -14.31
C HIS A 35 8.19 14.29 -15.06
N TYR A 36 7.85 13.20 -14.37
CA TYR A 36 7.12 12.09 -14.99
C TYR A 36 5.64 12.40 -15.17
N LYS A 37 5.12 13.26 -14.28
CA LYS A 37 3.69 13.60 -14.23
C LYS A 37 3.13 14.00 -15.59
N LYS A 38 3.96 14.67 -16.39
CA LYS A 38 3.59 15.17 -17.71
C LYS A 38 3.25 14.05 -18.69
N TYR A 39 3.69 12.83 -18.38
CA TYR A 39 3.57 11.69 -19.30
C TYR A 39 2.54 10.65 -18.84
N LEU A 40 1.86 10.92 -17.74
CA LEU A 40 1.00 9.91 -17.11
C LEU A 40 -0.46 10.32 -17.02
N THR A 41 -1.36 9.33 -17.11
CA THR A 41 -2.78 9.57 -16.97
C THR A 41 -3.21 9.44 -15.51
N LYS A 42 -2.94 8.27 -14.93
CA LYS A 42 -3.27 8.00 -13.52
C LYS A 42 -2.49 6.82 -12.97
N VAL A 43 -2.63 6.57 -11.67
CA VAL A 43 -2.04 5.42 -11.01
C VAL A 43 -3.09 4.30 -11.00
N LEU A 44 -2.70 3.12 -11.46
CA LEU A 44 -3.56 1.92 -11.40
C LEU A 44 -3.40 1.21 -10.07
N VAL A 45 -2.18 0.78 -9.79
CA VAL A 45 -1.87 0.10 -8.54
C VAL A 45 -0.64 0.74 -7.91
N PRO A 46 -0.81 1.31 -6.70
CA PRO A 46 0.28 1.86 -5.91
C PRO A 46 1.26 0.79 -5.46
N ASN A 47 2.51 1.20 -5.27
CA ASN A 47 3.60 0.32 -4.83
C ASN A 47 3.24 -0.52 -3.59
N GLY A 48 2.60 0.11 -2.62
CA GLY A 48 2.18 -0.55 -1.39
C GLY A 48 1.19 -1.68 -1.57
N VAL A 49 0.24 -1.50 -2.47
CA VAL A 49 -0.72 -2.56 -2.80
C VAL A 49 0.02 -3.72 -3.46
N ILE A 50 0.86 -3.40 -4.45
CA ILE A 50 1.70 -4.37 -5.11
C ILE A 50 2.45 -5.18 -4.05
N LYS A 51 3.21 -4.49 -3.20
CA LYS A 51 3.95 -5.14 -2.11
C LYS A 51 3.07 -6.08 -1.27
N ASN A 52 1.95 -5.56 -0.79
CA ASN A 52 1.00 -6.34 0.01
C ASN A 52 0.49 -7.59 -0.71
N ARG A 53 0.19 -7.44 -2.00
CA ARG A 53 -0.32 -8.55 -2.80
C ARG A 53 0.75 -9.59 -3.08
N ILE A 54 1.97 -9.13 -3.34
CA ILE A 54 3.10 -10.02 -3.56
C ILE A 54 3.36 -10.88 -2.31
N GLU A 55 3.17 -10.28 -1.14
CA GLU A 55 3.32 -10.99 0.13
C GLU A 55 2.36 -12.17 0.21
N LYS A 56 1.12 -11.97 -0.25
CA LYS A 56 0.12 -13.02 -0.19
C LYS A 56 0.38 -14.10 -1.23
N LEU A 57 0.81 -13.67 -2.42
CA LEU A 57 1.22 -14.58 -3.47
C LEU A 57 2.31 -15.52 -2.96
N ALA A 58 3.31 -14.94 -2.29
CA ALA A 58 4.41 -15.71 -1.70
C ALA A 58 3.89 -16.71 -0.68
N ARG A 59 2.92 -16.26 0.14
CA ARG A 59 2.27 -17.12 1.13
C ARG A 59 1.53 -18.27 0.44
N ASP A 60 0.85 -17.94 -0.67
CA ASP A 60 0.12 -18.94 -1.45
C ASP A 60 1.06 -19.96 -2.07
N VAL A 61 2.21 -19.48 -2.56
CA VAL A 61 3.22 -20.35 -3.15
C VAL A 61 3.71 -21.39 -2.15
N MET A 62 4.07 -20.94 -0.95
CA MET A 62 4.63 -21.82 0.07
C MET A 62 3.63 -22.85 0.60
N LYS A 63 2.36 -22.45 0.72
CA LYS A 63 1.31 -23.37 1.15
C LYS A 63 1.17 -24.54 0.18
N GLU A 64 1.38 -24.27 -1.10
CA GLU A 64 1.16 -25.24 -2.16
C GLU A 64 2.42 -26.00 -2.55
N MET A 65 3.57 -25.32 -2.51
CA MET A 65 4.83 -25.88 -3.01
C MET A 65 5.91 -26.06 -1.92
N GLY A 66 5.69 -25.46 -0.75
CA GLY A 66 6.70 -25.42 0.30
C GLY A 66 7.09 -26.75 0.92
N GLY A 67 6.43 -27.82 0.50
CA GLY A 67 6.70 -29.16 1.03
C GLY A 67 7.93 -29.81 0.42
N HIS A 68 8.40 -29.27 -0.70
CA HIS A 68 9.52 -29.82 -1.43
C HIS A 68 10.36 -28.74 -2.11
N HIS A 69 11.61 -29.08 -2.43
CA HIS A 69 12.53 -28.23 -3.20
C HIS A 69 11.79 -27.43 -4.27
N ILE A 70 11.91 -26.11 -4.18
CA ILE A 70 11.31 -25.21 -5.16
C ILE A 70 12.38 -24.63 -6.06
N VAL A 71 12.15 -24.72 -7.37
CA VAL A 71 13.01 -24.05 -8.34
C VAL A 71 12.20 -23.02 -9.15
N ALA A 72 12.47 -21.76 -8.86
CA ALA A 72 11.77 -20.65 -9.50
C ALA A 72 12.44 -20.31 -10.82
N LEU A 73 11.64 -20.25 -11.88
CA LEU A 73 12.10 -19.88 -13.20
C LEU A 73 11.55 -18.51 -13.57
N CYS A 74 12.42 -17.49 -13.52
CA CYS A 74 12.00 -16.13 -13.82
C CYS A 74 12.20 -15.81 -15.30
N VAL A 75 11.13 -15.39 -15.96
CA VAL A 75 11.18 -15.01 -17.36
C VAL A 75 11.63 -13.56 -17.50
N LEU A 76 12.79 -13.37 -18.09
CA LEU A 76 13.39 -12.05 -18.22
C LEU A 76 12.75 -11.25 -19.36
N LYS A 77 11.97 -10.25 -18.98
CA LYS A 77 11.33 -9.35 -19.92
C LYS A 77 11.71 -7.91 -19.61
N GLY A 78 12.65 -7.75 -18.67
CA GLY A 78 13.03 -6.44 -18.16
C GLY A 78 12.15 -6.03 -16.99
N GLY A 79 11.84 -7.00 -16.12
CA GLY A 79 10.98 -6.76 -14.96
C GLY A 79 11.55 -7.34 -13.69
N TYR A 80 12.67 -6.77 -13.26
CA TYR A 80 13.41 -7.28 -12.11
C TYR A 80 12.75 -7.07 -10.75
N LYS A 81 11.95 -6.01 -10.63
CA LYS A 81 11.40 -5.58 -9.33
C LYS A 81 10.46 -6.61 -8.72
N PHE A 82 9.56 -7.14 -9.54
CA PHE A 82 8.62 -8.17 -9.08
C PHE A 82 9.36 -9.41 -8.59
N PHE A 83 10.36 -9.85 -9.37
CA PHE A 83 11.17 -11.01 -8.99
C PHE A 83 11.77 -10.80 -7.61
N ALA A 84 12.44 -9.67 -7.43
CA ALA A 84 13.11 -9.31 -6.17
C ALA A 84 12.19 -9.39 -4.96
N ASP A 85 11.02 -8.79 -5.07
CA ASP A 85 10.06 -8.77 -3.97
C ASP A 85 9.45 -10.13 -3.73
N LEU A 86 9.08 -10.84 -4.80
CA LEU A 86 8.49 -12.18 -4.68
C LEU A 86 9.45 -13.13 -3.98
N LEU A 87 10.69 -13.19 -4.47
CA LEU A 87 11.73 -14.02 -3.89
C LEU A 87 12.00 -13.68 -2.43
N ASP A 88 12.04 -12.38 -2.13
CA ASP A 88 12.27 -11.91 -0.76
C ASP A 88 11.25 -12.46 0.22
N TYR A 89 9.98 -12.38 -0.13
CA TYR A 89 8.91 -12.92 0.70
C TYR A 89 8.98 -14.45 0.78
N ILE A 90 9.25 -15.11 -0.36
CA ILE A 90 9.49 -16.57 -0.37
C ILE A 90 10.60 -16.93 0.63
N LYS A 91 11.74 -16.26 0.51
CA LYS A 91 12.88 -16.49 1.40
C LYS A 91 12.54 -16.27 2.88
N ALA A 92 11.80 -15.19 3.15
CA ALA A 92 11.40 -14.82 4.51
C ALA A 92 10.50 -15.90 5.12
N LEU A 93 9.60 -16.43 4.31
CA LEU A 93 8.70 -17.49 4.74
C LEU A 93 9.46 -18.80 4.93
N ASN A 94 10.41 -19.06 4.03
CA ASN A 94 11.27 -20.23 4.11
C ASN A 94 12.05 -20.24 5.41
N ARG A 95 12.62 -19.10 5.79
CA ARG A 95 13.41 -19.03 7.02
C ARG A 95 12.56 -18.92 8.30
N ASN A 96 11.30 -18.51 8.16
CA ASN A 96 10.37 -18.43 9.31
C ASN A 96 9.61 -19.72 9.59
N SER A 97 9.56 -20.60 8.59
CA SER A 97 8.93 -21.91 8.77
C SER A 97 9.84 -22.81 9.62
N ASP A 98 9.25 -23.82 10.25
CA ASP A 98 10.00 -24.67 11.18
C ASP A 98 11.07 -25.51 10.49
N ARG A 99 10.78 -25.98 9.28
CA ARG A 99 11.75 -26.73 8.48
C ARG A 99 12.08 -25.96 7.22
N SER A 100 13.38 -25.79 6.95
CA SER A 100 13.84 -25.08 5.76
C SER A 100 13.83 -25.97 4.53
N ILE A 101 13.59 -25.34 3.38
CA ILE A 101 13.46 -26.04 2.11
C ILE A 101 14.42 -25.44 1.08
N PRO A 102 15.05 -26.32 0.24
CA PRO A 102 15.91 -25.82 -0.84
C PRO A 102 15.13 -24.99 -1.84
N MET A 103 15.74 -23.89 -2.28
CA MET A 103 15.07 -22.95 -3.16
C MET A 103 16.06 -22.45 -4.21
N THR A 104 15.96 -22.99 -5.41
CA THR A 104 16.86 -22.64 -6.51
C THR A 104 16.17 -21.65 -7.44
N VAL A 105 16.90 -20.62 -7.87
CA VAL A 105 16.35 -19.64 -8.81
C VAL A 105 17.17 -19.59 -10.09
N ASP A 106 16.49 -19.82 -11.21
CA ASP A 106 17.09 -19.70 -12.52
C ASP A 106 16.36 -18.64 -13.37
N PHE A 107 17.00 -18.24 -14.46
CA PHE A 107 16.48 -17.18 -15.32
C PHE A 107 16.49 -17.62 -16.78
N ILE A 108 15.40 -17.35 -17.48
CA ILE A 108 15.24 -17.76 -18.87
C ILE A 108 15.15 -16.57 -19.83
N ARG A 109 15.74 -16.73 -21.01
CA ARG A 109 15.87 -15.66 -22.00
C ARG A 109 14.74 -15.68 -23.02
N LYS A 123 16.25 -20.70 -23.62
CA LYS A 123 17.60 -20.78 -23.08
C LYS A 123 17.69 -20.31 -21.63
N VAL A 124 18.44 -21.05 -20.82
CA VAL A 124 18.61 -20.74 -19.41
C VAL A 124 19.96 -20.09 -19.17
N ILE A 125 19.96 -19.02 -18.37
CA ILE A 125 21.18 -18.31 -18.02
C ILE A 125 22.03 -19.12 -17.03
N GLY A 126 21.35 -19.92 -16.20
CA GLY A 126 21.99 -20.76 -15.18
C GLY A 126 23.03 -21.76 -15.68
N GLY A 127 22.59 -22.95 -16.09
CA GLY A 127 21.20 -23.36 -16.04
C GLY A 127 21.00 -24.77 -16.60
N ASP A 128 21.49 -24.98 -17.82
CA ASP A 128 21.40 -26.28 -18.49
C ASP A 128 22.19 -27.33 -17.70
N ASP A 129 21.73 -28.59 -17.69
CA ASP A 129 20.51 -29.03 -18.39
C ASP A 129 19.26 -28.68 -17.58
N LEU A 130 18.10 -28.78 -18.24
CA LEU A 130 16.82 -28.64 -17.57
C LEU A 130 16.39 -29.96 -16.92
N SER A 131 17.26 -30.96 -16.98
CA SER A 131 17.01 -32.26 -16.34
C SER A 131 16.97 -32.12 -14.82
N THR A 132 17.57 -31.05 -14.32
CA THR A 132 17.58 -30.71 -12.90
C THR A 132 16.17 -30.38 -12.38
N LEU A 133 15.22 -30.22 -13.30
CA LEU A 133 13.85 -29.88 -12.97
C LEU A 133 13.00 -31.07 -12.54
N THR A 134 13.52 -32.29 -12.74
CA THR A 134 12.79 -33.51 -12.41
C THR A 134 12.66 -33.74 -10.90
N GLY A 135 11.45 -34.09 -10.47
CA GLY A 135 11.16 -34.36 -9.07
C GLY A 135 11.05 -33.11 -8.21
N LYS A 136 11.09 -31.94 -8.86
CA LYS A 136 11.08 -30.66 -8.16
C LYS A 136 9.75 -29.93 -8.32
N ASN A 137 9.54 -28.92 -7.48
CA ASN A 137 8.40 -28.02 -7.60
C ASN A 137 8.80 -26.76 -8.35
N VAL A 138 8.35 -26.66 -9.60
CA VAL A 138 8.76 -25.58 -10.50
C VAL A 138 7.75 -24.44 -10.50
N LEU A 139 8.25 -23.22 -10.33
CA LEU A 139 7.43 -22.02 -10.41
C LEU A 139 7.89 -21.11 -11.54
N ILE A 140 7.11 -21.03 -12.60
CA ILE A 140 7.40 -20.14 -13.71
C ILE A 140 6.89 -18.74 -13.33
N VAL A 141 7.83 -17.80 -13.23
CA VAL A 141 7.55 -16.47 -12.73
C VAL A 141 7.67 -15.42 -13.84
N GLU A 142 6.53 -14.82 -14.18
CA GLU A 142 6.47 -13.76 -15.17
C GLU A 142 5.79 -12.57 -14.51
N ASP A 143 6.18 -11.35 -14.87
CA ASP A 143 5.61 -10.18 -14.21
C ASP A 143 4.27 -9.73 -14.80
N ILE A 144 4.10 -9.95 -16.10
CA ILE A 144 2.88 -9.57 -16.80
C ILE A 144 2.54 -10.58 -17.90
N ILE A 145 1.34 -11.14 -17.83
CA ILE A 145 0.84 -12.04 -18.88
C ILE A 145 -0.12 -11.31 -19.79
N ASP A 146 0.21 -11.28 -21.08
CA ASP A 146 -0.60 -10.57 -22.08
C ASP A 146 -1.40 -11.56 -22.95
N THR A 147 -0.68 -12.46 -23.63
CA THR A 147 -1.31 -13.45 -24.51
C THR A 147 -1.27 -14.87 -23.93
N GLY A 148 -0.24 -15.15 -23.14
CA GLY A 148 -0.03 -16.49 -22.58
C GLY A 148 0.99 -17.28 -23.38
N LYS A 149 1.31 -16.82 -24.58
CA LYS A 149 2.23 -17.50 -25.50
C LYS A 149 3.53 -17.92 -24.82
N THR A 150 4.24 -16.93 -24.27
CA THR A 150 5.54 -17.19 -23.62
C THR A 150 5.42 -18.21 -22.51
N MET A 151 4.36 -18.11 -21.72
CA MET A 151 4.13 -19.00 -20.59
C MET A 151 3.82 -20.43 -21.04
N GLN A 152 2.89 -20.55 -21.99
CA GLN A 152 2.44 -21.85 -22.50
C GLN A 152 3.57 -22.68 -23.10
N THR A 153 4.53 -21.99 -23.71
CA THR A 153 5.71 -22.63 -24.30
C THR A 153 6.57 -23.27 -23.21
N LEU A 154 6.75 -22.54 -22.12
CA LEU A 154 7.55 -23.01 -20.99
C LEU A 154 6.83 -24.10 -20.23
N LEU A 155 5.51 -23.93 -20.07
CA LEU A 155 4.66 -24.96 -19.47
C LEU A 155 4.83 -26.30 -20.20
N SER A 156 4.76 -26.25 -21.52
CA SER A 156 4.99 -27.42 -22.36
C SER A 156 6.42 -27.92 -22.19
N LEU A 157 7.37 -26.99 -22.14
CA LEU A 157 8.79 -27.33 -22.08
C LEU A 157 9.17 -28.04 -20.79
N VAL A 158 8.74 -27.50 -19.66
CA VAL A 158 9.09 -28.04 -18.34
C VAL A 158 8.41 -29.38 -18.04
N ARG A 159 7.21 -29.57 -18.59
CA ARG A 159 6.45 -30.81 -18.40
C ARG A 159 7.11 -32.02 -19.04
N GLN A 160 8.00 -31.75 -20.00
CA GLN A 160 8.78 -32.79 -20.66
C GLN A 160 9.90 -33.32 -19.77
N TYR A 161 10.14 -32.64 -18.65
CA TYR A 161 11.20 -33.05 -17.72
C TYR A 161 10.68 -33.65 -16.41
N ASN A 162 9.40 -34.01 -16.40
CA ASN A 162 8.75 -34.69 -15.25
C ASN A 162 9.01 -34.04 -13.87
N PRO A 163 8.52 -32.81 -13.66
CA PRO A 163 8.63 -32.21 -12.35
C PRO A 163 7.48 -32.64 -11.44
N LYS A 164 7.68 -32.58 -10.13
CA LYS A 164 6.62 -32.91 -9.17
C LYS A 164 5.36 -32.11 -9.45
N MET A 165 5.53 -30.81 -9.68
CA MET A 165 4.44 -29.93 -10.08
C MET A 165 4.96 -28.73 -10.86
N VAL A 166 4.07 -28.13 -11.64
CA VAL A 166 4.36 -26.86 -12.30
C VAL A 166 3.28 -25.86 -11.98
N LYS A 167 3.69 -24.71 -11.46
CA LYS A 167 2.77 -23.61 -11.24
C LYS A 167 3.28 -22.33 -11.90
N VAL A 168 2.36 -21.41 -12.15
CA VAL A 168 2.70 -20.15 -12.81
C VAL A 168 2.36 -18.97 -11.90
N ALA A 169 3.38 -18.19 -11.56
CA ALA A 169 3.18 -16.98 -10.79
C ALA A 169 3.26 -15.76 -11.69
N CYS A 170 2.37 -14.79 -11.43
CA CYS A 170 2.36 -13.56 -12.20
C CYS A 170 1.78 -12.39 -11.44
N LEU A 171 2.38 -11.21 -11.59
CA LEU A 171 1.86 -10.01 -10.94
C LEU A 171 0.58 -9.57 -11.63
N PHE A 172 0.65 -9.35 -12.94
CA PHE A 172 -0.49 -8.83 -13.70
C PHE A 172 -0.93 -9.74 -14.83
N ILE A 173 -2.24 -9.90 -14.96
CA ILE A 173 -2.83 -10.38 -16.20
C ILE A 173 -3.70 -9.28 -16.77
N LYS A 174 -3.44 -8.93 -18.03
CA LYS A 174 -4.25 -7.96 -18.75
C LYS A 174 -5.50 -8.65 -19.25
N ARG A 175 -6.66 -8.06 -18.99
CA ARG A 175 -7.92 -8.56 -19.52
C ARG A 175 -8.02 -8.23 -20.99
N THR A 176 -7.22 -8.93 -21.80
CA THR A 176 -7.26 -8.79 -23.24
C THR A 176 -8.47 -9.56 -23.75
N PRO A 177 -9.28 -8.95 -24.63
CA PRO A 177 -10.30 -9.73 -25.33
C PRO A 177 -9.64 -10.90 -26.06
N LEU A 178 -8.41 -10.69 -26.53
CA LEU A 178 -7.64 -11.70 -27.24
C LEU A 178 -6.84 -12.63 -26.31
N TRP A 179 -7.34 -12.81 -25.08
CA TRP A 179 -6.76 -13.77 -24.14
C TRP A 179 -6.96 -15.19 -24.67
N ASN A 180 -5.94 -15.69 -25.36
CA ASN A 180 -6.01 -16.97 -26.06
C ASN A 180 -5.32 -18.11 -25.31
N GLY A 181 -5.23 -17.97 -24.00
CA GLY A 181 -4.50 -18.92 -23.18
C GLY A 181 -5.18 -19.35 -21.89
N PHE A 182 -4.36 -19.77 -20.94
CA PHE A 182 -4.82 -20.38 -19.69
C PHE A 182 -5.06 -19.34 -18.59
N LYS A 183 -5.63 -19.80 -17.48
CA LYS A 183 -5.67 -19.03 -16.25
C LYS A 183 -4.54 -19.54 -15.36
N ALA A 184 -3.67 -18.62 -14.95
CA ALA A 184 -2.50 -18.94 -14.13
C ALA A 184 -2.87 -19.37 -12.71
N ASP A 185 -1.89 -19.90 -11.98
CA ASP A 185 -2.14 -20.43 -10.64
C ASP A 185 -2.09 -19.33 -9.59
N PHE A 186 -1.00 -18.58 -9.59
CA PHE A 186 -0.83 -17.45 -8.66
C PHE A 186 -0.74 -16.16 -9.44
N VAL A 187 -1.76 -15.33 -9.30
CA VAL A 187 -1.82 -14.08 -10.05
C VAL A 187 -2.19 -12.92 -9.12
N GLY A 188 -1.40 -11.85 -9.17
CA GLY A 188 -1.59 -10.71 -8.28
C GLY A 188 -2.82 -9.88 -8.59
N PHE A 189 -2.85 -9.30 -9.79
CA PHE A 189 -3.91 -8.39 -10.18
C PHE A 189 -4.45 -8.69 -11.56
N SER A 190 -5.77 -8.53 -11.72
CA SER A 190 -6.41 -8.53 -13.02
C SER A 190 -6.64 -7.08 -13.42
N ILE A 191 -5.99 -6.66 -14.51
CA ILE A 191 -6.03 -5.27 -14.96
C ILE A 191 -6.64 -5.11 -16.36
N PRO A 192 -7.11 -3.91 -16.72
CA PRO A 192 -7.57 -3.65 -18.08
C PRO A 192 -6.42 -3.68 -19.09
N ASP A 193 -6.75 -3.88 -20.37
CA ASP A 193 -5.75 -4.01 -21.42
C ASP A 193 -5.19 -2.65 -21.85
N HIS A 194 -4.47 -2.01 -20.95
CA HIS A 194 -3.81 -0.74 -21.24
C HIS A 194 -2.30 -0.88 -21.06
N PHE A 195 -1.56 0.03 -21.69
CA PHE A 195 -0.12 0.07 -21.53
C PHE A 195 0.20 0.61 -20.15
N VAL A 196 0.95 -0.18 -19.37
CA VAL A 196 1.32 0.22 -18.02
C VAL A 196 2.82 0.43 -17.89
N VAL A 197 3.19 1.42 -17.09
CA VAL A 197 4.58 1.66 -16.77
C VAL A 197 4.74 1.75 -15.25
N GLY A 198 5.96 1.99 -14.80
CA GLY A 198 6.23 2.09 -13.37
C GLY A 198 6.66 0.76 -12.78
N TYR A 199 6.94 0.77 -11.48
CA TYR A 199 7.53 -0.37 -10.80
C TYR A 199 8.80 -0.74 -11.57
N SER A 200 8.75 -1.78 -12.40
CA SER A 200 9.78 -1.99 -13.42
C SER A 200 9.18 -2.66 -14.66
N LEU A 201 7.88 -2.48 -14.84
CA LEU A 201 7.12 -3.12 -15.91
C LEU A 201 7.55 -2.69 -17.31
N ASP A 202 7.76 -1.38 -17.49
CA ASP A 202 8.23 -0.86 -18.78
C ASP A 202 9.66 -1.31 -19.06
N TYR A 203 9.86 -1.91 -20.23
CA TYR A 203 11.17 -2.42 -20.64
C TYR A 203 12.19 -1.30 -20.82
N ASN A 204 11.71 -0.11 -21.18
CA ASN A 204 12.53 1.09 -21.24
C ASN A 204 12.94 1.49 -19.83
N GLU A 205 14.07 2.18 -19.71
CA GLU A 205 14.47 2.74 -18.42
C GLU A 205 14.15 4.23 -18.37
N ILE A 206 12.93 4.57 -18.79
CA ILE A 206 12.48 5.97 -18.83
C ILE A 206 11.66 6.35 -17.59
N PHE A 207 10.99 5.35 -17.01
CA PHE A 207 10.29 5.54 -15.75
C PHE A 207 10.98 4.73 -14.66
N ARG A 208 12.30 4.90 -14.57
CA ARG A 208 13.14 4.15 -13.64
C ARG A 208 12.86 4.47 -12.17
N ASP A 209 12.35 5.67 -11.91
CA ASP A 209 12.10 6.13 -10.55
C ASP A 209 10.61 6.07 -10.16
N LEU A 210 9.77 5.54 -11.04
CA LEU A 210 8.35 5.40 -10.77
C LEU A 210 8.07 4.07 -10.08
N ASP A 211 7.61 4.14 -8.83
CA ASP A 211 7.40 2.96 -7.99
C ASP A 211 6.01 2.36 -8.14
N HIS A 212 5.08 3.14 -8.66
CA HIS A 212 3.69 2.71 -8.77
C HIS A 212 3.36 2.34 -10.21
N CYS A 213 2.45 1.38 -10.36
CA CYS A 213 1.97 0.96 -11.66
C CYS A 213 1.02 2.02 -12.22
N CYS A 214 1.46 2.68 -13.28
CA CYS A 214 0.69 3.77 -13.86
C CYS A 214 0.46 3.52 -15.34
N LEU A 215 -0.69 3.96 -15.84
CA LEU A 215 -0.96 3.91 -17.27
C LEU A 215 -0.66 5.26 -17.92
N VAL A 216 -0.23 5.22 -19.17
CA VAL A 216 0.42 6.35 -19.83
C VAL A 216 -0.54 7.15 -20.72
N ASN A 217 -0.32 8.48 -20.76
CA ASN A 217 -1.11 9.35 -21.64
C ASN A 217 -0.61 9.31 -23.09
N ASP A 218 -1.09 10.26 -23.90
CA ASP A 218 -0.68 10.35 -25.30
C ASP A 218 0.71 10.91 -25.48
N GLU A 219 1.10 11.84 -24.61
CA GLU A 219 2.42 12.47 -24.70
C GLU A 219 3.54 11.51 -24.29
N GLY A 220 3.24 10.64 -23.32
CA GLY A 220 4.22 9.71 -22.79
C GLY A 220 4.44 8.47 -23.64
N LYS A 221 3.42 8.07 -24.39
CA LYS A 221 3.50 6.86 -25.22
C LYS A 221 4.44 7.03 -26.42
N LYS A 222 5.30 8.04 -26.35
CA LYS A 222 6.39 8.22 -27.29
C LYS A 222 7.73 8.14 -26.55
N LYS A 223 8.46 7.02 -26.66
CA LYS A 223 8.09 5.79 -27.39
C LYS A 223 7.39 6.01 -28.73
N ALA B 13 -4.54 18.83 -5.43
CA ALA B 13 -3.38 18.01 -5.01
C ALA B 13 -3.56 17.47 -3.60
N PHE B 14 -4.11 18.30 -2.73
CA PHE B 14 -4.31 17.96 -1.32
C PHE B 14 -5.56 17.11 -1.07
N ASP B 15 -6.41 17.00 -2.09
CA ASP B 15 -7.62 16.19 -2.02
C ASP B 15 -7.31 14.74 -1.62
N PRO B 16 -8.10 14.18 -0.68
CA PRO B 16 -7.88 12.82 -0.21
C PRO B 16 -8.23 11.77 -1.25
N VAL B 17 -7.64 10.59 -1.12
CA VAL B 17 -7.97 9.46 -1.98
C VAL B 17 -9.40 9.05 -1.66
N PHE B 18 -10.23 8.94 -2.69
CA PHE B 18 -11.63 8.61 -2.48
C PHE B 18 -11.86 7.10 -2.49
N VAL B 19 -12.40 6.60 -1.38
CA VAL B 19 -12.73 5.18 -1.25
C VAL B 19 -14.26 5.04 -1.35
N LYS B 20 -14.72 4.67 -2.54
CA LYS B 20 -16.17 4.55 -2.81
C LYS B 20 -16.85 3.54 -1.89
N ASP B 21 -18.18 3.68 -1.75
CA ASP B 21 -18.98 2.81 -0.87
C ASP B 21 -18.75 1.33 -1.16
N ASP B 22 -18.60 0.99 -2.44
CA ASP B 22 -18.43 -0.40 -2.87
C ASP B 22 -16.95 -0.81 -3.08
N ASP B 23 -16.03 0.13 -2.90
CA ASP B 23 -14.59 -0.14 -3.01
C ASP B 23 -14.13 -1.11 -1.92
N GLY B 24 -13.06 -1.84 -2.19
CA GLY B 24 -12.50 -2.76 -1.21
C GLY B 24 -11.91 -4.03 -1.81
N TYR B 25 -11.41 -4.89 -0.92
CA TYR B 25 -10.71 -6.10 -1.33
C TYR B 25 -11.21 -7.30 -0.52
N ASP B 26 -11.11 -8.49 -1.12
CA ASP B 26 -11.47 -9.73 -0.45
C ASP B 26 -10.50 -10.03 0.69
N LEU B 27 -10.99 -10.71 1.73
CA LEU B 27 -10.17 -11.00 2.91
C LEU B 27 -9.01 -11.94 2.60
N ASP B 28 -9.10 -12.64 1.47
CA ASP B 28 -8.05 -13.56 1.05
C ASP B 28 -7.03 -12.93 0.09
N SER B 29 -7.28 -11.68 -0.30
CA SER B 29 -6.39 -10.95 -1.20
C SER B 29 -5.05 -10.60 -0.53
N PHE B 30 -5.09 -10.25 0.75
CA PHE B 30 -3.91 -9.84 1.49
C PHE B 30 -3.68 -10.71 2.72
N MET B 31 -2.58 -10.42 3.43
CA MET B 31 -2.21 -11.18 4.62
C MET B 31 -2.96 -10.67 5.84
N ILE B 32 -3.95 -11.44 6.28
CA ILE B 32 -4.71 -11.17 7.50
C ILE B 32 -4.62 -12.41 8.41
N PRO B 33 -4.27 -12.21 9.70
CA PRO B 33 -4.30 -13.31 10.66
C PRO B 33 -5.63 -14.07 10.66
N ALA B 34 -5.56 -15.39 10.58
CA ALA B 34 -6.71 -16.26 10.37
C ALA B 34 -7.89 -16.04 11.31
N HIS B 35 -7.60 -15.76 12.59
CA HIS B 35 -8.63 -15.60 13.61
C HIS B 35 -9.46 -14.32 13.46
N TYR B 36 -8.90 -13.31 12.79
CA TYR B 36 -9.61 -12.04 12.60
C TYR B 36 -10.73 -12.13 11.56
N LYS B 37 -10.56 -13.01 10.58
CA LYS B 37 -11.46 -13.08 9.41
C LYS B 37 -12.93 -13.31 9.75
N LYS B 38 -13.19 -14.06 10.82
CA LYS B 38 -14.55 -14.32 11.31
C LYS B 38 -15.32 -13.01 11.56
N TYR B 39 -14.60 -11.98 11.97
CA TYR B 39 -15.20 -10.72 12.41
C TYR B 39 -15.16 -9.63 11.34
N LEU B 40 -14.54 -9.90 10.21
CA LEU B 40 -14.40 -8.92 9.14
C LEU B 40 -15.18 -9.30 7.89
N THR B 41 -15.58 -8.30 7.12
CA THR B 41 -16.25 -8.55 5.83
C THR B 41 -15.31 -8.31 4.65
N LYS B 42 -14.67 -7.14 4.62
CA LYS B 42 -13.75 -6.77 3.54
C LYS B 42 -12.60 -5.89 4.03
N VAL B 43 -11.52 -5.85 3.24
CA VAL B 43 -10.45 -4.88 3.45
C VAL B 43 -10.86 -3.60 2.74
N LEU B 44 -10.89 -2.49 3.48
CA LEU B 44 -11.23 -1.19 2.93
C LEU B 44 -9.99 -0.60 2.26
N VAL B 45 -8.92 -0.44 3.04
CA VAL B 45 -7.65 0.11 2.56
C VAL B 45 -6.50 -0.70 3.15
N PRO B 46 -5.66 -1.30 2.28
CA PRO B 46 -4.49 -2.08 2.67
C PRO B 46 -3.39 -1.22 3.28
N ASN B 47 -2.62 -1.82 4.19
CA ASN B 47 -1.52 -1.15 4.87
C ASN B 47 -0.58 -0.39 3.93
N GLY B 48 -0.28 -1.01 2.79
CA GLY B 48 0.62 -0.44 1.81
C GLY B 48 0.15 0.86 1.17
N VAL B 49 -1.16 0.98 0.98
CA VAL B 49 -1.75 2.19 0.40
C VAL B 49 -1.72 3.29 1.45
N ILE B 50 -2.03 2.89 2.68
CA ILE B 50 -2.01 3.77 3.84
C ILE B 50 -0.62 4.37 3.96
N LYS B 51 0.39 3.53 3.96
CA LYS B 51 1.78 3.99 4.07
C LYS B 51 2.17 4.92 2.93
N ASN B 52 1.83 4.54 1.70
CA ASN B 52 2.07 5.36 0.52
C ASN B 52 1.44 6.76 0.63
N ARG B 53 0.22 6.81 1.14
CA ARG B 53 -0.51 8.05 1.31
C ARG B 53 0.15 8.90 2.40
N ILE B 54 0.45 8.27 3.54
CA ILE B 54 1.07 8.95 4.67
C ILE B 54 2.34 9.63 4.20
N GLU B 55 3.11 8.94 3.37
CA GLU B 55 4.33 9.48 2.81
C GLU B 55 4.08 10.77 2.01
N LYS B 56 3.00 10.78 1.23
CA LYS B 56 2.63 11.95 0.45
C LYS B 56 2.17 13.08 1.39
N LEU B 57 1.36 12.74 2.38
CA LEU B 57 0.89 13.71 3.37
C LEU B 57 2.06 14.41 4.07
N ALA B 58 3.12 13.64 4.35
CA ALA B 58 4.32 14.19 4.97
C ALA B 58 5.01 15.19 4.06
N ARG B 59 5.11 14.86 2.77
CA ARG B 59 5.66 15.78 1.78
C ARG B 59 4.81 17.06 1.71
N ASP B 60 3.49 16.88 1.66
CA ASP B 60 2.53 17.98 1.65
C ASP B 60 2.74 18.88 2.87
N VAL B 61 2.74 18.27 4.05
CA VAL B 61 2.99 18.99 5.31
C VAL B 61 4.24 19.82 5.20
N MET B 62 5.34 19.18 4.79
CA MET B 62 6.64 19.82 4.71
C MET B 62 6.70 20.94 3.68
N LYS B 63 5.99 20.76 2.56
CA LYS B 63 5.89 21.79 1.53
C LYS B 63 5.28 23.08 2.09
N GLU B 64 4.32 22.93 3.01
CA GLU B 64 3.58 24.05 3.56
C GLU B 64 4.20 24.64 4.83
N MET B 65 4.74 23.78 5.69
CA MET B 65 5.17 24.18 7.03
C MET B 65 6.65 23.99 7.31
N GLY B 66 7.38 23.38 6.37
CA GLY B 66 8.80 23.08 6.57
C GLY B 66 9.69 24.30 6.66
N GLY B 67 9.07 25.48 6.60
CA GLY B 67 9.80 26.74 6.63
C GLY B 67 10.12 27.27 8.02
N HIS B 68 9.42 26.73 9.03
CA HIS B 68 9.61 27.16 10.42
C HIS B 68 9.18 26.07 11.40
N HIS B 69 9.71 26.14 12.63
CA HIS B 69 9.37 25.25 13.74
C HIS B 69 7.99 24.64 13.62
N ILE B 70 7.94 23.31 13.53
CA ILE B 70 6.66 22.61 13.52
C ILE B 70 6.39 21.98 14.87
N VAL B 71 5.24 22.33 15.45
CA VAL B 71 4.73 21.62 16.61
C VAL B 71 3.61 20.71 16.13
N ALA B 72 3.79 19.40 16.31
CA ALA B 72 2.78 18.45 15.93
C ALA B 72 1.91 18.09 17.13
N LEU B 73 0.65 18.50 17.08
CA LEU B 73 -0.32 18.22 18.14
C LEU B 73 -1.14 16.98 17.83
N CYS B 74 -0.80 15.88 18.51
CA CYS B 74 -1.44 14.60 18.24
C CYS B 74 -2.64 14.37 19.18
N VAL B 75 -3.83 14.24 18.60
CA VAL B 75 -5.08 14.13 19.37
C VAL B 75 -5.31 12.71 19.87
N LEU B 76 -5.27 12.55 21.19
CA LEU B 76 -5.35 11.24 21.84
C LEU B 76 -6.68 10.53 21.64
N LYS B 77 -6.75 9.71 20.61
CA LYS B 77 -7.88 8.82 20.38
C LYS B 77 -7.35 7.43 20.08
N GLY B 78 -7.12 6.66 21.14
CA GLY B 78 -6.59 5.30 21.02
C GLY B 78 -5.11 5.26 20.71
N GLY B 79 -4.77 4.60 19.60
CA GLY B 79 -3.38 4.37 19.21
C GLY B 79 -2.66 5.60 18.71
N TYR B 80 -1.34 5.47 18.54
CA TYR B 80 -0.51 6.56 18.03
C TYR B 80 0.28 6.16 16.78
N LYS B 81 -0.04 4.97 16.22
CA LYS B 81 0.63 4.46 15.02
C LYS B 81 0.71 5.49 13.90
N PHE B 82 -0.41 6.13 13.61
CA PHE B 82 -0.47 7.14 12.56
C PHE B 82 0.46 8.32 12.85
N PHE B 83 0.42 8.82 14.10
CA PHE B 83 1.28 9.91 14.51
C PHE B 83 2.75 9.56 14.30
N ALA B 84 3.14 8.40 14.82
CA ALA B 84 4.51 7.90 14.71
C ALA B 84 4.97 7.78 13.25
N ASP B 85 4.11 7.23 12.40
CA ASP B 85 4.45 7.03 10.99
C ASP B 85 4.56 8.35 10.25
N LEU B 86 3.53 9.19 10.37
CA LEU B 86 3.51 10.51 9.75
C LEU B 86 4.80 11.25 10.07
N LEU B 87 5.14 11.28 11.36
CA LEU B 87 6.29 12.04 11.85
C LEU B 87 7.62 11.46 11.41
N ASP B 88 7.71 10.14 11.34
CA ASP B 88 8.93 9.49 10.86
C ASP B 88 9.25 9.91 9.43
N TYR B 89 8.22 9.97 8.59
CA TYR B 89 8.37 10.46 7.22
C TYR B 89 8.73 11.94 7.20
N ILE B 90 8.12 12.72 8.10
CA ILE B 90 8.41 14.15 8.20
C ILE B 90 9.85 14.36 8.67
N LYS B 91 10.26 13.61 9.70
CA LYS B 91 11.62 13.66 10.23
C LYS B 91 12.68 13.34 9.17
N ALA B 92 12.40 12.35 8.34
CA ALA B 92 13.31 11.95 7.26
C ALA B 92 13.55 13.10 6.28
N LEU B 93 12.49 13.82 5.95
CA LEU B 93 12.56 14.95 5.02
C LEU B 93 13.26 16.14 5.65
N ASN B 94 13.06 16.31 6.96
CA ASN B 94 13.67 17.41 7.72
C ASN B 94 15.19 17.28 7.83
N ARG B 95 15.68 16.04 7.81
CA ARG B 95 17.12 15.77 7.79
C ARG B 95 17.73 16.11 6.43
N ASN B 96 17.03 15.73 5.37
CA ASN B 96 17.54 15.85 4.00
C ASN B 96 17.09 17.13 3.28
N SER B 97 17.02 18.23 4.01
CA SER B 97 16.74 19.54 3.42
C SER B 97 17.85 20.54 3.74
N ASP B 98 17.91 21.62 2.95
CA ASP B 98 18.96 22.64 3.09
C ASP B 98 18.98 23.30 4.47
N ARG B 99 17.81 23.71 4.95
CA ARG B 99 17.70 24.32 6.28
C ARG B 99 16.72 23.54 7.17
N SER B 100 17.27 22.74 8.08
CA SER B 100 16.48 21.95 9.02
C SER B 100 15.83 22.83 10.09
N ILE B 101 14.57 22.55 10.38
CA ILE B 101 13.81 23.31 11.36
C ILE B 101 13.60 22.49 12.64
N PRO B 102 13.42 23.17 13.80
CA PRO B 102 13.05 22.46 15.03
C PRO B 102 11.69 21.78 14.90
N MET B 103 11.48 20.72 15.67
CA MET B 103 10.20 20.04 15.67
C MET B 103 9.84 19.52 17.05
N THR B 104 8.62 19.83 17.49
CA THR B 104 8.17 19.43 18.81
C THR B 104 6.91 18.57 18.69
N VAL B 105 6.80 17.58 19.57
CA VAL B 105 5.65 16.69 19.62
C VAL B 105 4.89 16.91 20.92
N ASP B 106 3.58 17.11 20.79
CA ASP B 106 2.72 17.19 21.97
C ASP B 106 1.46 16.37 21.78
N PHE B 107 1.03 15.72 22.85
CA PHE B 107 -0.22 14.99 22.86
C PHE B 107 -1.30 15.86 23.47
N ILE B 108 -2.53 15.70 22.98
CA ILE B 108 -3.65 16.51 23.45
C ILE B 108 -4.89 15.64 23.71
N ARG B 109 -5.57 15.93 24.81
CA ARG B 109 -6.82 15.24 25.15
C ARG B 109 -7.96 16.25 25.34
N LEU B 110 -9.08 15.97 24.68
CA LEU B 110 -10.30 16.79 24.82
C LEU B 110 -11.04 16.45 26.11
N LYS B 111 -11.79 17.41 26.63
CA LYS B 111 -12.62 17.19 27.84
C LYS B 111 -13.90 18.05 27.82
N ASP B 121 -10.51 20.51 29.99
CA ASP B 121 -10.65 21.09 28.66
C ASP B 121 -10.03 22.50 28.60
N ILE B 122 -8.92 22.67 27.91
CA ILE B 122 -8.17 21.60 27.21
C ILE B 122 -6.69 21.67 27.63
N LYS B 123 -6.10 20.51 27.93
CA LYS B 123 -4.73 20.47 28.46
C LYS B 123 -3.75 19.71 27.57
N VAL B 124 -2.58 20.30 27.36
CA VAL B 124 -1.54 19.77 26.47
C VAL B 124 -0.53 18.90 27.23
N ILE B 125 -0.34 17.68 26.76
CA ILE B 125 0.62 16.76 27.36
C ILE B 125 1.95 16.82 26.59
N GLY B 126 2.92 17.47 27.22
CA GLY B 126 4.23 17.68 26.60
C GLY B 126 4.87 18.95 27.12
N GLY B 127 5.94 19.38 26.47
CA GLY B 127 6.70 20.55 26.88
C GLY B 127 5.97 21.86 26.61
N ASP B 128 5.11 21.83 25.60
CA ASP B 128 4.36 23.01 25.21
C ASP B 128 3.04 23.16 25.98
N ASP B 129 2.50 24.37 25.92
CA ASP B 129 1.14 24.66 26.31
C ASP B 129 0.53 25.41 25.14
N LEU B 130 -0.79 25.50 25.10
CA LEU B 130 -1.46 26.28 24.07
C LEU B 130 -0.82 27.66 23.97
N SER B 131 -0.49 28.23 25.13
CA SER B 131 0.10 29.56 25.21
C SER B 131 1.51 29.64 24.60
N THR B 132 2.26 28.55 24.65
CA THR B 132 3.63 28.53 24.10
C THR B 132 3.66 28.16 22.62
N LEU B 133 2.49 28.03 22.00
CA LEU B 133 2.39 27.69 20.58
C LEU B 133 2.58 28.90 19.67
N THR B 134 2.53 30.10 20.25
CA THR B 134 2.70 31.36 19.53
C THR B 134 3.93 31.36 18.62
N GLY B 135 3.73 31.79 17.38
CA GLY B 135 4.84 31.97 16.43
C GLY B 135 5.36 30.69 15.82
N LYS B 136 4.61 29.60 15.97
CA LYS B 136 5.05 28.29 15.49
C LYS B 136 4.05 27.72 14.49
N ASN B 137 4.55 26.87 13.59
CA ASN B 137 3.70 26.13 12.68
C ASN B 137 3.14 24.91 13.40
N VAL B 138 1.87 25.00 13.81
CA VAL B 138 1.26 23.89 14.53
C VAL B 138 0.42 23.02 13.61
N LEU B 139 0.73 21.73 13.64
CA LEU B 139 -0.03 20.73 12.91
C LEU B 139 -0.85 19.91 13.89
N ILE B 140 -2.17 20.01 13.78
CA ILE B 140 -3.08 19.19 14.58
C ILE B 140 -3.32 17.87 13.85
N VAL B 141 -2.93 16.76 14.48
CA VAL B 141 -3.02 15.44 13.86
C VAL B 141 -4.04 14.56 14.57
N GLU B 142 -4.90 13.93 13.78
CA GLU B 142 -5.92 13.02 14.28
C GLU B 142 -6.03 11.81 13.35
N ASP B 143 -6.42 10.67 13.90
CA ASP B 143 -6.67 9.47 13.11
C ASP B 143 -7.83 9.65 12.14
N ILE B 144 -9.00 9.96 12.69
CA ILE B 144 -10.23 9.98 11.93
C ILE B 144 -11.14 11.16 12.30
N ILE B 145 -11.56 11.92 11.29
CA ILE B 145 -12.56 12.96 11.48
C ILE B 145 -13.92 12.42 11.03
N ASP B 146 -14.90 12.47 11.92
CA ASP B 146 -16.28 12.16 11.55
C ASP B 146 -17.16 13.41 11.62
N THR B 147 -17.50 13.84 12.83
CA THR B 147 -18.34 15.02 13.04
C THR B 147 -17.62 16.33 12.72
N GLY B 148 -16.33 16.39 13.05
CA GLY B 148 -15.53 17.58 12.84
C GLY B 148 -15.52 18.53 14.02
N LYS B 149 -16.29 18.19 15.06
CA LYS B 149 -16.44 19.02 16.25
C LYS B 149 -15.14 19.23 17.03
N THR B 150 -14.41 18.15 17.26
CA THR B 150 -13.16 18.20 18.02
C THR B 150 -12.16 19.14 17.35
N MET B 151 -11.96 18.94 16.05
CA MET B 151 -10.98 19.72 15.29
C MET B 151 -11.31 21.21 15.29
N GLN B 152 -12.58 21.55 15.09
CA GLN B 152 -13.02 22.94 15.06
C GLN B 152 -12.76 23.61 16.41
N THR B 153 -13.07 22.90 17.49
CA THR B 153 -12.83 23.37 18.85
C THR B 153 -11.34 23.67 19.06
N LEU B 154 -10.49 22.71 18.68
CA LEU B 154 -9.04 22.86 18.81
C LEU B 154 -8.48 23.97 17.94
N LEU B 155 -8.99 24.08 16.71
CA LEU B 155 -8.61 25.13 15.79
C LEU B 155 -8.83 26.49 16.44
N SER B 156 -10.03 26.69 16.99
CA SER B 156 -10.37 27.91 17.72
C SER B 156 -9.49 28.14 18.95
N LEU B 157 -9.12 27.05 19.64
CA LEU B 157 -8.27 27.15 20.82
C LEU B 157 -6.86 27.61 20.44
N VAL B 158 -6.31 27.02 19.40
CA VAL B 158 -4.96 27.35 18.95
C VAL B 158 -4.87 28.77 18.40
N ARG B 159 -5.87 29.17 17.61
CA ARG B 159 -5.90 30.49 16.98
C ARG B 159 -5.89 31.67 17.97
N GLN B 160 -6.31 31.42 19.21
CA GLN B 160 -6.33 32.45 20.24
C GLN B 160 -4.92 32.86 20.66
N TYR B 161 -3.95 32.01 20.38
CA TYR B 161 -2.57 32.23 20.81
C TYR B 161 -1.65 32.62 19.66
N ASN B 162 -2.27 32.97 18.54
CA ASN B 162 -1.58 33.51 17.36
C ASN B 162 -0.32 32.72 16.91
N PRO B 163 -0.52 31.50 16.40
CA PRO B 163 0.63 30.76 15.88
C PRO B 163 0.96 31.22 14.46
N LYS B 164 2.16 30.91 13.98
CA LYS B 164 2.55 31.29 12.62
C LYS B 164 1.53 30.74 11.63
N MET B 165 1.16 29.48 11.83
CA MET B 165 0.05 28.86 11.11
C MET B 165 -0.52 27.67 11.87
N VAL B 166 -1.80 27.38 11.64
CA VAL B 166 -2.43 26.17 12.14
C VAL B 166 -2.93 25.34 10.97
N LYS B 167 -2.47 24.09 10.91
CA LYS B 167 -2.92 23.16 9.88
C LYS B 167 -3.44 21.87 10.50
N VAL B 168 -4.38 21.23 9.82
CA VAL B 168 -4.98 19.99 10.31
C VAL B 168 -4.67 18.82 9.38
N ALA B 169 -4.03 17.80 9.93
CA ALA B 169 -3.76 16.57 9.19
C ALA B 169 -4.55 15.40 9.75
N CYS B 170 -5.02 14.53 8.86
CA CYS B 170 -5.84 13.40 9.26
C CYS B 170 -5.76 12.24 8.28
N LEU B 171 -5.79 11.03 8.83
CA LEU B 171 -5.69 9.83 8.00
C LEU B 171 -7.01 9.58 7.28
N PHE B 172 -8.11 9.58 8.02
CA PHE B 172 -9.43 9.34 7.45
C PHE B 172 -10.43 10.47 7.72
N ILE B 173 -11.35 10.62 6.78
CA ILE B 173 -12.59 11.36 7.03
C ILE B 173 -13.76 10.48 6.63
N LYS B 174 -14.69 10.29 7.56
CA LYS B 174 -15.93 9.57 7.27
C LYS B 174 -16.93 10.53 6.65
N ARG B 175 -17.72 10.01 5.71
CA ARG B 175 -18.80 10.79 5.11
C ARG B 175 -20.08 10.52 5.88
N THR B 176 -20.46 11.49 6.71
CA THR B 176 -21.64 11.38 7.56
C THR B 176 -22.44 12.67 7.43
N PRO B 177 -23.78 12.56 7.35
CA PRO B 177 -24.65 13.75 7.46
C PRO B 177 -24.41 14.54 8.76
N LEU B 178 -23.75 13.92 9.73
CA LEU B 178 -23.42 14.57 11.00
C LEU B 178 -22.14 15.41 10.95
N TRP B 179 -21.52 15.46 9.77
CA TRP B 179 -20.33 16.27 9.52
C TRP B 179 -20.68 17.76 9.60
N ASN B 180 -19.83 18.53 10.27
CA ASN B 180 -20.12 19.95 10.51
C ASN B 180 -19.60 20.91 9.44
N GLY B 181 -18.95 20.36 8.42
CA GLY B 181 -18.44 21.17 7.30
C GLY B 181 -16.96 21.50 7.39
N PHE B 182 -16.30 21.02 8.44
CA PHE B 182 -14.88 21.30 8.65
C PHE B 182 -14.03 20.62 7.59
N LYS B 183 -13.19 21.42 6.94
CA LYS B 183 -12.28 20.91 5.93
C LYS B 183 -10.87 20.92 6.49
N ALA B 184 -10.32 19.73 6.71
CA ALA B 184 -8.94 19.57 7.16
C ALA B 184 -8.01 19.85 5.99
N ASP B 185 -6.74 20.12 6.28
CA ASP B 185 -5.77 20.50 5.26
C ASP B 185 -5.15 19.28 4.58
N PHE B 186 -4.69 18.31 5.37
CA PHE B 186 -4.03 17.12 4.84
C PHE B 186 -4.71 15.84 5.29
N VAL B 187 -5.70 15.41 4.51
CA VAL B 187 -6.41 14.16 4.79
C VAL B 187 -6.04 13.05 3.79
N GLY B 188 -5.76 11.86 4.31
CA GLY B 188 -5.37 10.73 3.49
C GLY B 188 -6.49 10.12 2.67
N PHE B 189 -7.52 9.64 3.35
CA PHE B 189 -8.60 8.90 2.70
C PHE B 189 -9.99 9.39 3.09
N SER B 190 -10.87 9.53 2.09
CA SER B 190 -12.30 9.73 2.31
C SER B 190 -13.01 8.38 2.26
N ILE B 191 -13.61 8.01 3.39
CA ILE B 191 -14.21 6.68 3.54
C ILE B 191 -15.70 6.73 3.86
N PRO B 192 -16.45 5.65 3.54
CA PRO B 192 -17.87 5.52 3.87
C PRO B 192 -18.17 5.57 5.37
N ASP B 193 -19.46 5.63 5.70
CA ASP B 193 -19.91 5.73 7.09
C ASP B 193 -20.03 4.38 7.79
N HIS B 194 -19.17 3.43 7.42
CA HIS B 194 -19.11 2.14 8.09
C HIS B 194 -17.96 2.12 9.09
N PHE B 195 -18.20 1.52 10.25
CA PHE B 195 -17.19 1.43 11.31
C PHE B 195 -16.02 0.55 10.86
N VAL B 196 -14.81 1.08 10.97
CA VAL B 196 -13.61 0.42 10.46
C VAL B 196 -12.56 0.15 11.53
N VAL B 197 -11.83 -0.95 11.37
CA VAL B 197 -10.75 -1.33 12.28
C VAL B 197 -9.48 -1.68 11.52
N GLY B 198 -8.36 -1.70 12.22
CA GLY B 198 -7.07 -2.01 11.61
C GLY B 198 -6.08 -0.86 11.69
N TYR B 199 -4.85 -1.14 11.31
CA TYR B 199 -3.76 -0.16 11.37
C TYR B 199 -3.75 0.61 12.71
N SER B 200 -4.14 1.87 12.69
CA SER B 200 -4.09 2.70 13.90
C SER B 200 -5.45 2.83 14.58
N LEU B 201 -6.50 2.41 13.86
CA LEU B 201 -7.87 2.56 14.35
C LEU B 201 -8.12 1.68 15.57
N ASP B 202 -8.48 2.34 16.67
CA ASP B 202 -8.73 1.70 17.95
C ASP B 202 -9.98 0.82 17.90
N TYR B 203 -9.85 -0.39 18.43
CA TYR B 203 -10.97 -1.29 18.60
C TYR B 203 -10.90 -1.90 20.00
N ASN B 204 -10.34 -1.12 20.93
CA ASN B 204 -9.92 -1.61 22.25
C ASN B 204 -8.85 -2.70 22.15
N GLU B 205 -7.99 -2.53 21.15
CA GLU B 205 -6.81 -3.38 20.91
C GLU B 205 -7.14 -4.86 20.66
N ILE B 206 -8.32 -5.14 20.12
CA ILE B 206 -8.69 -6.52 19.76
C ILE B 206 -8.15 -6.88 18.37
N PHE B 207 -8.02 -5.87 17.51
CA PHE B 207 -7.43 -6.06 16.19
C PHE B 207 -6.02 -5.49 16.13
N ARG B 208 -5.24 -5.78 17.17
CA ARG B 208 -3.90 -5.20 17.33
C ARG B 208 -2.87 -5.71 16.33
N ASP B 209 -3.08 -6.92 15.81
CA ASP B 209 -2.17 -7.51 14.83
C ASP B 209 -2.68 -7.32 13.41
N LEU B 210 -3.65 -6.44 13.24
CA LEU B 210 -4.22 -6.14 11.93
C LEU B 210 -3.62 -4.87 11.34
N ASP B 211 -3.00 -5.02 10.16
CA ASP B 211 -2.29 -3.93 9.52
C ASP B 211 -3.15 -3.16 8.52
N HIS B 212 -4.15 -3.84 7.95
CA HIS B 212 -5.01 -3.24 6.93
C HIS B 212 -6.29 -2.67 7.54
N CYS B 213 -6.78 -1.59 6.97
CA CYS B 213 -8.05 -1.00 7.38
C CYS B 213 -9.20 -1.84 6.84
N CYS B 214 -10.01 -2.38 7.75
CA CYS B 214 -11.08 -3.32 7.39
C CYS B 214 -12.44 -2.93 7.95
N LEU B 215 -13.49 -3.50 7.37
CA LEU B 215 -14.85 -3.36 7.89
C LEU B 215 -15.16 -4.53 8.81
N VAL B 216 -15.80 -4.23 9.94
CA VAL B 216 -16.21 -5.25 10.90
C VAL B 216 -17.63 -5.71 10.56
N ASN B 217 -17.87 -7.00 10.64
CA ASN B 217 -19.22 -7.54 10.44
C ASN B 217 -20.04 -7.49 11.72
N ASP B 218 -21.32 -7.80 11.62
CA ASP B 218 -22.23 -7.79 12.77
C ASP B 218 -21.73 -8.64 13.93
N GLU B 219 -21.04 -9.73 13.61
CA GLU B 219 -20.47 -10.61 14.62
C GLU B 219 -19.30 -9.95 15.34
N GLY B 220 -18.48 -9.23 14.58
CA GLY B 220 -17.33 -8.51 15.14
C GLY B 220 -17.74 -7.34 16.01
N LYS B 221 -18.79 -6.63 15.57
CA LYS B 221 -19.36 -5.51 16.33
C LYS B 221 -19.97 -6.01 17.65
N LYS B 222 -20.47 -7.25 17.63
CA LYS B 222 -21.01 -7.91 18.82
C LYS B 222 -19.89 -8.33 19.78
N LYS B 223 -18.70 -8.57 19.23
CA LYS B 223 -17.54 -8.96 20.02
C LYS B 223 -16.87 -7.77 20.72
N TYR B 224 -17.19 -6.55 20.26
CA TYR B 224 -16.63 -5.33 20.83
C TYR B 224 -17.24 -4.98 22.20
N LYS B 225 -18.52 -5.26 22.37
CA LYS B 225 -19.25 -4.92 23.59
C LYS B 225 -18.74 -5.70 24.81
N ALA B 226 -18.46 -5.01 25.92
CA ALA B 226 -18.64 -3.55 26.03
C ALA B 226 -17.34 -2.79 25.75
#